data_1W1G
#
_entry.id   1W1G
#
_cell.length_a   35.264
_cell.length_b   58.943
_cell.length_c   36.440
_cell.angle_alpha   90.00
_cell.angle_beta   102.33
_cell.angle_gamma   90.00
#
_symmetry.space_group_name_H-M   'P 1 21 1'
#
loop_
_entity.id
_entity.type
_entity.pdbx_description
1 polymer '3-PHOSPHOINOSITIDE DEPENDENT PROTEIN KINASE-1'
2 non-polymer '(2R)-3-{[(S)-{[(2S,3R,5S,6S)-2,6-DIHYDROXY-3,4,5-TRIS(PHOSPHONOOXY)CYCLOHEXYL]OXY}(HYDROXY)PHOSPHORYL]OXY}-2-(1-HYDROXY BUTOXY)PROPYL BUTYRATE'
3 water water
#
_entity_poly.entity_id   1
_entity_poly.type   'polypeptide(L)'
_entity_poly.pdbx_seq_one_letter_code
;GPLGSNIEQYIHDLDSNSFELDLQFSEDEKRLLLEKQAGGNPWHQFVENNLILKMGPVDKRKGLFARRRQLLLTEGPHLY
YVDPVNKVLKGEIPWSQELRPEAKNFKTFFVHTPNRTYYLMDPSGNAHKWCRKIQEVWRQRYQSHPDAAVQ
;
_entity_poly.pdbx_strand_id   A
#
loop_
_chem_comp.id
_chem_comp.type
_chem_comp.name
_chem_comp.formula
4PT non-polymer '(2R)-3-{[(S)-{[(2S,3R,5S,6S)-2,6-DIHYDROXY-3,4,5-TRIS(PHOSPHONOOXY)CYCLOHEXYL]OXY}(HYDROXY)PHOSPHORYL]OXY}-2-(1-HYDROXY BUTOXY)PROPYL BUTYRATE' 'C17 H36 O22 P4'
#
# COMPACT_ATOMS: atom_id res chain seq x y z
N PRO A 2 -1.14 1.78 -25.85
CA PRO A 2 -1.49 1.35 -27.20
C PRO A 2 -2.98 1.25 -27.38
N LEU A 3 -3.45 1.47 -28.59
CA LEU A 3 -4.86 1.27 -28.87
C LEU A 3 -5.34 -0.06 -28.31
N GLY A 4 -6.41 -0.01 -27.53
CA GLY A 4 -7.01 -1.20 -26.93
C GLY A 4 -6.32 -1.75 -25.69
N SER A 5 -5.30 -1.06 -25.17
CA SER A 5 -4.53 -1.59 -24.03
C SER A 5 -5.27 -1.41 -22.70
N ASN A 6 -5.98 -0.28 -22.57
CA ASN A 6 -6.83 0.00 -21.39
C ASN A 6 -6.19 -0.44 -20.07
N ILE A 7 -5.08 0.20 -19.75
CA ILE A 7 -4.32 -0.17 -18.59
C ILE A 7 -5.11 0.02 -17.29
N GLU A 8 -6.10 0.91 -17.34
CA GLU A 8 -6.94 1.18 -16.17
C GLU A 8 -7.72 -0.07 -15.68
N GLN A 9 -7.78 -1.12 -16.52
CA GLN A 9 -8.44 -2.37 -16.12
C GLN A 9 -7.87 -2.97 -14.84
N TYR A 10 -6.57 -2.75 -14.59
CA TYR A 10 -5.90 -3.31 -13.41
C TYR A 10 -6.10 -2.45 -12.15
N ILE A 11 -6.68 -1.26 -12.29
CA ILE A 11 -6.71 -0.27 -11.21
C ILE A 11 -8.12 -0.24 -10.62
N HIS A 12 -8.22 -0.31 -9.30
CA HIS A 12 -9.51 -0.36 -8.61
C HIS A 12 -9.54 0.75 -7.56
N ASP A 13 -10.18 1.86 -7.95
CA ASP A 13 -10.29 3.02 -7.05
C ASP A 13 -11.29 2.77 -5.94
N LEU A 14 -10.89 3.08 -4.70
CA LEU A 14 -11.77 3.07 -3.52
C LEU A 14 -12.23 4.45 -3.10
N ASP A 15 -11.38 5.45 -3.33
CA ASP A 15 -11.62 6.84 -2.99
C ASP A 15 -10.58 7.67 -3.76
N SER A 16 -10.68 8.99 -3.67
CA SER A 16 -9.79 9.90 -4.41
C SER A 16 -8.32 9.70 -4.01
N ASN A 17 -8.08 9.21 -2.79
CA ASN A 17 -6.71 8.91 -2.36
C ASN A 17 -6.42 7.41 -2.03
N SER A 18 -7.26 6.55 -2.56
CA SER A 18 -7.22 5.14 -2.22
C SER A 18 -7.55 4.27 -3.43
N PHE A 19 -6.67 3.32 -3.73
CA PHE A 19 -6.91 2.33 -4.77
C PHE A 19 -6.06 1.08 -4.52
N GLU A 20 -6.38 0.04 -5.27
CA GLU A 20 -5.52 -1.14 -5.30
C GLU A 20 -5.47 -1.69 -6.69
N LEU A 21 -4.39 -2.40 -6.98
CA LEU A 21 -4.16 -2.97 -8.31
C LEU A 21 -4.30 -4.47 -8.30
N ASP A 22 -4.83 -5.04 -9.39
CA ASP A 22 -4.68 -6.44 -9.65
C ASP A 22 -3.22 -6.70 -10.09
N LEU A 23 -2.66 -7.85 -9.67
CA LEU A 23 -1.21 -8.07 -9.81
C LEU A 23 -0.75 -8.91 -11.02
N GLN A 24 -1.69 -9.41 -11.81
CA GLN A 24 -1.28 -10.33 -12.89
C GLN A 24 -0.70 -9.69 -14.19
N PHE A 25 -0.61 -8.36 -14.27
CA PHE A 25 -0.15 -7.70 -15.51
C PHE A 25 1.29 -8.01 -15.90
N SER A 26 1.60 -7.75 -17.18
CA SER A 26 2.91 -8.07 -17.74
C SER A 26 3.95 -7.00 -17.41
N GLU A 27 5.21 -7.30 -17.71
CA GLU A 27 6.26 -6.31 -17.51
C GLU A 27 6.03 -5.07 -18.40
N ASP A 28 5.54 -5.25 -19.63
CA ASP A 28 5.22 -4.08 -20.49
C ASP A 28 4.03 -3.25 -19.95
N GLU A 29 3.01 -3.95 -19.47
CA GLU A 29 1.89 -3.29 -18.81
C GLU A 29 2.35 -2.49 -17.58
N LYS A 30 3.24 -3.09 -16.83
CA LYS A 30 3.82 -2.41 -15.67
C LYS A 30 4.41 -1.07 -16.07
N ARG A 31 5.16 -1.03 -17.17
CA ARG A 31 5.80 0.23 -17.57
C ARG A 31 4.76 1.33 -17.75
N LEU A 32 3.64 0.98 -18.36
CA LEU A 32 2.60 1.97 -18.60
C LEU A 32 1.94 2.38 -17.28
N LEU A 33 1.67 1.40 -16.42
CA LEU A 33 1.11 1.67 -15.07
C LEU A 33 2.00 2.63 -14.30
N LEU A 34 3.32 2.42 -14.39
CA LEU A 34 4.28 3.27 -13.70
C LEU A 34 4.31 4.68 -14.32
N GLU A 35 4.25 4.75 -15.65
CA GLU A 35 4.16 6.04 -16.31
C GLU A 35 2.94 6.83 -15.84
N LYS A 36 1.78 6.18 -15.77
CA LYS A 36 0.56 6.78 -15.21
C LYS A 36 0.80 7.30 -13.80
N GLN A 37 1.39 6.47 -12.96
CA GLN A 37 1.71 6.86 -11.60
C GLN A 37 2.59 8.08 -11.53
N ALA A 38 3.71 8.05 -12.26
CA ALA A 38 4.63 9.19 -12.32
C ALA A 38 3.96 10.52 -12.71
N GLY A 39 3.07 10.49 -13.67
CA GLY A 39 2.41 11.71 -14.14
C GLY A 39 1.34 12.20 -13.19
N GLY A 40 0.68 11.25 -12.52
CA GLY A 40 -0.63 11.46 -11.92
C GLY A 40 -0.78 11.22 -10.43
N ASN A 41 0.15 10.49 -9.83
CA ASN A 41 -0.02 10.11 -8.44
C ASN A 41 0.74 11.08 -7.51
N PRO A 42 0.03 11.79 -6.63
CA PRO A 42 0.71 12.74 -5.70
C PRO A 42 1.84 12.17 -4.88
N TRP A 43 1.85 10.84 -4.68
CA TRP A 43 2.75 10.20 -3.74
C TRP A 43 3.94 9.56 -4.44
N HIS A 44 4.04 9.75 -5.76
CA HIS A 44 5.06 9.06 -6.54
C HIS A 44 6.46 9.36 -6.01
N GLN A 45 6.68 10.61 -5.63
CA GLN A 45 8.01 11.05 -5.20
C GLN A 45 8.55 10.31 -3.95
N PHE A 46 7.67 9.72 -3.16
CA PHE A 46 8.07 9.06 -1.89
C PHE A 46 8.39 7.58 -2.01
N VAL A 47 8.13 6.98 -3.19
CA VAL A 47 8.21 5.55 -3.29
C VAL A 47 9.37 4.97 -4.11
N GLU A 48 10.42 5.76 -4.35
CA GLU A 48 11.66 5.21 -4.92
C GLU A 48 11.38 4.55 -6.27
N ASN A 49 10.48 5.16 -7.01
CA ASN A 49 10.13 4.72 -8.34
C ASN A 49 9.56 3.29 -8.45
N ASN A 50 9.05 2.79 -7.30
CA ASN A 50 8.34 1.53 -7.20
C ASN A 50 6.86 1.73 -7.56
N LEU A 51 6.30 0.79 -8.34
CA LEU A 51 4.89 0.81 -8.64
C LEU A 51 4.09 0.60 -7.34
N ILE A 52 3.11 1.48 -7.14
CA ILE A 52 2.20 1.43 -5.99
C ILE A 52 1.09 0.44 -6.31
N LEU A 53 0.97 -0.59 -5.48
CA LEU A 53 0.01 -1.68 -5.63
C LEU A 53 -1.27 -1.45 -4.83
N LYS A 54 -1.12 -0.80 -3.68
CA LYS A 54 -2.28 -0.32 -2.93
C LYS A 54 -1.86 0.90 -2.15
N MET A 55 -2.74 1.89 -2.06
CA MET A 55 -2.46 3.00 -1.11
C MET A 55 -3.78 3.48 -0.51
N GLY A 56 -3.64 4.19 0.61
CA GLY A 56 -4.84 4.77 1.28
C GLY A 56 -4.42 5.36 2.61
N PRO A 57 -5.21 6.30 3.14
CA PRO A 57 -4.90 6.85 4.45
C PRO A 57 -5.23 5.88 5.56
N VAL A 58 -4.39 5.92 6.59
CA VAL A 58 -4.63 5.17 7.81
C VAL A 58 -4.16 6.04 8.96
N ASP A 59 -4.69 5.78 10.13
CA ASP A 59 -4.20 6.36 11.37
C ASP A 59 -3.30 5.33 12.04
N LYS A 60 -2.03 5.67 12.28
CA LYS A 60 -1.08 4.75 12.90
C LYS A 60 -0.94 5.13 14.37
N ARG A 61 -1.36 4.21 15.21
CA ARG A 61 -1.35 4.39 16.64
C ARG A 61 0.04 4.19 17.19
N LYS A 62 0.48 5.10 18.06
CA LYS A 62 1.77 4.97 18.75
C LYS A 62 1.65 5.91 19.96
N GLY A 63 1.84 5.39 21.16
CA GLY A 63 1.60 6.19 22.33
C GLY A 63 0.11 6.19 22.60
N LEU A 64 -0.39 7.21 23.28
CA LEU A 64 -1.82 7.26 23.57
C LEU A 64 -2.63 7.51 22.34
N PHE A 65 -2.07 8.21 21.34
CA PHE A 65 -2.90 8.58 20.20
C PHE A 65 -2.36 8.04 18.86
N ALA A 66 -2.37 8.87 17.83
CA ALA A 66 -2.03 8.42 16.49
C ALA A 66 -1.68 9.59 15.57
N ARG A 67 -1.23 9.23 14.38
CA ARG A 67 -0.94 10.20 13.35
C ARG A 67 -1.53 9.66 12.04
N ARG A 68 -2.19 10.52 11.28
CA ARG A 68 -2.74 10.14 9.98
C ARG A 68 -1.57 10.10 8.97
N ARG A 69 -1.44 8.96 8.29
CA ARG A 69 -0.41 8.79 7.27
C ARG A 69 -1.01 8.21 5.98
N GLN A 70 -0.37 8.49 4.85
CA GLN A 70 -0.72 7.83 3.61
C GLN A 70 0.15 6.58 3.60
N LEU A 71 -0.49 5.40 3.58
CA LEU A 71 0.22 4.13 3.56
C LEU A 71 0.31 3.63 2.10
N LEU A 72 1.49 3.14 1.69
CA LEU A 72 1.73 2.78 0.30
C LEU A 72 2.42 1.43 0.24
N LEU A 73 1.71 0.46 -0.34
CA LEU A 73 2.24 -0.88 -0.54
C LEU A 73 2.73 -0.91 -1.98
N THR A 74 3.98 -1.28 -2.23
CA THR A 74 4.57 -1.17 -3.54
C THR A 74 5.33 -2.43 -3.92
N GLU A 75 5.70 -2.53 -5.19
CA GLU A 75 6.63 -3.57 -5.60
C GLU A 75 7.88 -3.44 -4.77
N GLY A 76 8.59 -4.57 -4.68
CA GLY A 76 9.77 -4.61 -3.80
C GLY A 76 9.73 -5.92 -3.06
N PRO A 77 8.80 -6.10 -2.11
CA PRO A 77 7.80 -5.09 -1.74
C PRO A 77 8.31 -4.06 -0.72
N HIS A 78 7.57 -2.96 -0.61
CA HIS A 78 7.72 -1.98 0.45
C HIS A 78 6.34 -1.62 1.00
N LEU A 79 6.37 -1.11 2.22
CA LEU A 79 5.19 -0.43 2.83
C LEU A 79 5.74 0.85 3.37
N TYR A 80 5.57 1.94 2.61
CA TYR A 80 5.95 3.29 3.01
C TYR A 80 4.80 3.98 3.74
N TYR A 81 5.11 4.84 4.71
CA TYR A 81 4.10 5.76 5.21
C TYR A 81 4.59 7.21 5.16
N VAL A 82 3.69 8.09 4.76
CA VAL A 82 4.01 9.45 4.45
C VAL A 82 3.10 10.41 5.22
N ASP A 83 3.67 11.52 5.66
CA ASP A 83 2.87 12.63 6.23
C ASP A 83 2.15 13.38 5.12
N PRO A 84 0.83 13.30 5.06
CA PRO A 84 0.11 13.84 3.90
C PRO A 84 -0.07 15.33 3.93
N VAL A 85 0.16 15.96 5.08
CA VAL A 85 0.02 17.43 5.16
C VAL A 85 1.34 18.10 4.81
N ASN A 86 2.42 17.62 5.42
CA ASN A 86 3.71 18.22 5.20
C ASN A 86 4.41 17.59 4.01
N LYS A 87 3.86 16.50 3.49
CA LYS A 87 4.35 15.87 2.27
C LYS A 87 5.81 15.45 2.47
N VAL A 88 6.02 14.63 3.49
CA VAL A 88 7.34 14.07 3.79
C VAL A 88 7.21 12.57 4.16
N LEU A 89 8.13 11.77 3.62
CA LEU A 89 8.22 10.36 4.00
C LEU A 89 8.56 10.28 5.48
N LYS A 90 7.79 9.51 6.25
CA LYS A 90 8.08 9.34 7.68
C LYS A 90 8.73 8.02 8.01
N GLY A 91 8.45 6.98 7.24
CA GLY A 91 9.12 5.70 7.45
C GLY A 91 8.58 4.60 6.54
N GLU A 92 9.04 3.38 6.82
CA GLU A 92 8.53 2.12 6.24
C GLU A 92 8.29 1.05 7.30
N ILE A 93 7.34 0.18 7.02
CA ILE A 93 7.13 -1.04 7.79
C ILE A 93 8.07 -2.03 7.13
N PRO A 94 9.04 -2.55 7.87
CA PRO A 94 10.07 -3.36 7.24
C PRO A 94 9.52 -4.72 6.85
N TRP A 95 9.79 -5.10 5.61
CA TRP A 95 9.43 -6.43 5.12
C TRP A 95 10.45 -7.50 5.48
N SER A 96 9.92 -8.65 5.85
CA SER A 96 10.66 -9.89 6.00
C SER A 96 9.66 -11.02 5.86
N GLN A 97 10.17 -12.24 5.82
CA GLN A 97 9.32 -13.41 5.86
C GLN A 97 8.38 -13.50 7.06
N GLU A 98 8.77 -12.97 8.21
CA GLU A 98 7.95 -13.01 9.41
C GLU A 98 6.83 -11.97 9.41
N LEU A 99 6.85 -11.06 8.44
CA LEU A 99 5.81 -10.01 8.42
C LEU A 99 4.45 -10.68 8.23
N ARG A 100 3.47 -10.24 9.01
CA ARG A 100 2.14 -10.79 8.90
C ARG A 100 1.08 -9.75 9.26
N PRO A 101 0.10 -9.49 8.38
CA PRO A 101 -1.02 -8.61 8.74
C PRO A 101 -2.11 -9.35 9.50
N GLU A 102 -2.88 -8.66 10.33
CA GLU A 102 -3.95 -9.27 11.07
C GLU A 102 -5.05 -8.25 11.30
N ALA A 103 -6.25 -8.56 10.84
CA ALA A 103 -7.41 -7.64 10.97
C ALA A 103 -8.15 -7.95 12.26
N LYS A 104 -8.36 -6.92 13.06
CA LYS A 104 -9.16 -7.04 14.28
C LYS A 104 -10.67 -6.86 14.00
N ASN A 105 -10.98 -5.97 13.07
CA ASN A 105 -12.31 -5.78 12.57
C ASN A 105 -12.20 -5.09 11.23
N PHE A 106 -13.23 -4.35 10.79
CA PHE A 106 -13.20 -3.77 9.46
C PHE A 106 -12.41 -2.47 9.42
N LYS A 107 -12.04 -1.94 10.58
CA LYS A 107 -11.29 -0.66 10.61
C LYS A 107 -9.83 -0.90 11.11
N THR A 108 -9.71 -1.69 12.13
CA THR A 108 -8.45 -1.89 12.81
C THR A 108 -7.71 -3.10 12.27
N PHE A 109 -6.41 -2.87 11.98
CA PHE A 109 -5.53 -3.98 11.64
C PHE A 109 -4.09 -3.76 12.08
N PHE A 110 -3.39 -4.85 12.31
CA PHE A 110 -2.02 -4.84 12.79
C PHE A 110 -1.10 -5.34 11.69
N VAL A 111 0.16 -4.92 11.69
CA VAL A 111 1.13 -5.58 10.84
C VAL A 111 2.28 -5.97 11.75
N HIS A 112 2.42 -7.26 11.94
CA HIS A 112 3.45 -7.80 12.83
C HIS A 112 4.78 -7.86 12.13
N THR A 113 5.83 -7.32 12.76
CA THR A 113 7.17 -7.61 12.35
C THR A 113 7.94 -8.06 13.62
N PRO A 114 9.09 -8.68 13.44
CA PRO A 114 9.75 -9.35 14.55
C PRO A 114 9.95 -8.46 15.78
N ASN A 115 10.42 -7.23 15.59
CA ASN A 115 10.70 -6.33 16.72
C ASN A 115 9.71 -5.20 16.91
N ARG A 116 8.62 -5.21 16.16
CA ARG A 116 7.56 -4.23 16.37
C ARG A 116 6.29 -4.64 15.65
N THR A 117 5.16 -4.38 16.28
CA THR A 117 3.88 -4.49 15.62
C THR A 117 3.34 -3.08 15.34
N TYR A 118 2.86 -2.88 14.11
CA TYR A 118 2.31 -1.58 13.71
C TYR A 118 0.78 -1.65 13.86
N TYR A 119 0.20 -0.63 14.44
CA TYR A 119 -1.21 -0.67 14.81
C TYR A 119 -1.87 0.36 13.95
N LEU A 120 -2.67 -0.11 12.98
CA LEU A 120 -3.31 0.79 12.03
C LEU A 120 -4.82 0.78 12.10
N MET A 121 -5.40 1.93 11.75
CA MET A 121 -6.85 2.08 11.73
C MET A 121 -7.25 2.69 10.37
N ASP A 122 -8.23 2.08 9.71
CA ASP A 122 -8.76 2.49 8.44
C ASP A 122 -10.22 2.90 8.66
N PRO A 123 -10.51 4.19 8.85
CA PRO A 123 -11.88 4.59 9.12
C PRO A 123 -12.86 4.28 8.01
N SER A 124 -12.36 3.90 6.82
CA SER A 124 -13.25 3.63 5.68
C SER A 124 -13.92 2.26 5.79
N GLY A 125 -13.45 1.47 6.75
CA GLY A 125 -13.94 0.08 6.95
C GLY A 125 -13.41 -0.99 5.99
N ASN A 126 -12.21 -0.72 5.45
CA ASN A 126 -11.63 -1.58 4.47
C ASN A 126 -10.36 -2.25 4.99
N ALA A 127 -10.24 -2.40 6.31
CA ALA A 127 -9.06 -3.07 6.89
C ALA A 127 -8.78 -4.46 6.29
N HIS A 128 -9.86 -5.20 5.97
CA HIS A 128 -9.69 -6.55 5.41
C HIS A 128 -9.06 -6.48 4.00
N LYS A 129 -9.37 -5.43 3.27
CA LYS A 129 -8.75 -5.26 1.94
C LYS A 129 -7.23 -5.02 2.10
N TRP A 130 -6.85 -4.22 3.09
CA TRP A 130 -5.44 -4.03 3.41
C TRP A 130 -4.79 -5.37 3.73
N CYS A 131 -5.44 -6.14 4.60
CA CYS A 131 -4.82 -7.39 5.06
C CYS A 131 -4.70 -8.36 3.91
N ARG A 132 -5.76 -8.46 3.14
CA ARG A 132 -5.78 -9.34 1.97
C ARG A 132 -4.66 -9.02 0.96
N LYS A 133 -4.49 -7.75 0.62
CA LYS A 133 -3.53 -7.35 -0.39
C LYS A 133 -2.10 -7.52 0.12
N ILE A 134 -1.88 -7.15 1.39
CA ILE A 134 -0.55 -7.37 1.99
C ILE A 134 -0.27 -8.88 2.01
N GLN A 135 -1.26 -9.73 2.34
CA GLN A 135 -1.06 -11.18 2.34
C GLN A 135 -0.76 -11.71 0.91
N GLU A 136 -1.47 -11.16 -0.06
CA GLU A 136 -1.24 -11.52 -1.47
C GLU A 136 0.22 -11.26 -1.87
N VAL A 137 0.68 -10.06 -1.52
CA VAL A 137 2.06 -9.63 -1.82
C VAL A 137 3.05 -10.58 -1.07
N TRP A 138 2.73 -10.83 0.19
CA TRP A 138 3.55 -11.76 1.03
C TRP A 138 3.71 -13.11 0.32
N ARG A 139 2.64 -13.62 -0.22
CA ARG A 139 2.65 -14.92 -0.90
C ARG A 139 3.50 -14.88 -2.17
N GLN A 140 3.37 -13.80 -2.94
CA GLN A 140 4.12 -13.67 -4.22
C GLN A 140 5.58 -13.44 -3.93
N ARG A 141 5.87 -12.79 -2.79
CA ARG A 141 7.26 -12.53 -2.43
C ARG A 141 7.98 -13.78 -1.92
N TYR A 142 7.31 -14.55 -1.05
CA TYR A 142 7.99 -15.60 -0.24
C TYR A 142 7.62 -17.01 -0.65
N GLN A 143 6.56 -17.18 -1.43
CA GLN A 143 6.16 -18.50 -1.91
C GLN A 143 6.19 -18.52 -3.45
N SER A 144 5.54 -19.52 -4.03
CA SER A 144 5.65 -19.86 -5.48
C SER A 144 7.04 -20.38 -5.80
N HIS A 145 7.26 -21.18 -6.73
O0F 4PT B . 6.47 12.50 22.54
C0E 4PT B . 7.59 12.98 21.78
C0C 4PT B . 7.13 13.26 20.35
O0D 4PT B . 8.26 13.54 19.51
C0B 4PT B . 6.40 12.06 19.74
OP1 4PT B . 5.88 12.42 18.45
P1 4PT B . 4.46 11.90 18.03
OP3 4PT B . 4.23 12.51 16.54
OP2 4PT B . 3.39 12.29 18.99
O1 4PT B . 4.53 10.33 18.00
C1 4PT B . 5.43 9.75 17.05
C2 4PT B . 4.71 9.33 15.74
O2 4PT B . 3.68 8.38 16.02
C3 4PT B . 5.74 8.63 14.81
O3 4PT B . 5.08 8.19 13.62
P3 4PT B . 5.64 8.88 12.27
O11 4PT B . 5.44 10.43 12.36
O10 4PT B . 4.65 8.29 11.14
O12 4PT B . 7.11 8.60 12.05
C4 4PT B . 6.38 7.40 15.46
O4 4PT B . 7.44 6.89 14.64
P4 4PT B . 7.15 5.61 13.66
OP5 4PT B . 7.48 6.28 12.27
OP6 4PT B . 8.22 4.58 14.13
OP4 4PT B . 5.78 5.00 13.91
C5 4PT B . 7.03 7.77 16.83
O5 4PT B . 7.30 6.54 17.47
P5 4PT B . 8.85 6.00 17.48
OP8 4PT B . 8.72 4.58 16.74
OP7 4PT B . 9.19 5.58 18.94
OP9 4PT B . 9.75 6.94 16.74
C6 4PT B . 6.06 8.55 17.71
O6 4PT B . 6.78 8.98 18.88
#